data_4UY4
#
_entry.id   4UY4
#
_cell.length_a   39.072
_cell.length_b   51.690
_cell.length_c   57.141
_cell.angle_alpha   81.25
_cell.angle_beta   89.89
_cell.angle_gamma   88.00
#
_symmetry.space_group_name_H-M   'P 1'
#
loop_
_entity.id
_entity.type
_entity.pdbx_description
1 polymer SPINDLIN-4
2 polymer 'HISTONE H3K4ME3'
3 non-polymer GLYCEROL
4 water water
#
loop_
_entity_poly.entity_id
_entity_poly.type
_entity_poly.pdbx_seq_one_letter_code
_entity_poly.pdbx_strand_id
1 'polypeptide(L)'
;SMTRRNIVGCRIQHGWKEGNEPVEQWKGTVLEQVSVKPTLYIIKYDGKDSVYGLELHRDKRVLALEILPERVPTPRIDSR
LADSLIGKAVEHVFEGEHGTKDEWKGMVLARAPVMDTWFYITYEKDPVLYMYTLLDDYKDGDLRIIPDSNYYFPTAEQEP
GEVVDSLVGKQVEHAKDDGSKRTGIFIHQVVAKPSVYFIKFDDDIHIYVYGLVKTP
;
A,B
2 'polypeptide(L)' ART(M3L)QT C,D
#
# COMPACT_ATOMS: atom_id res chain seq x y z
N SER A 1 -44.55 -8.30 21.58
CA SER A 1 -43.10 -8.54 21.63
C SER A 1 -42.62 -9.41 20.48
N MET A 2 -41.37 -9.20 20.07
CA MET A 2 -40.78 -10.02 19.02
C MET A 2 -39.32 -10.30 19.33
N THR A 3 -38.87 -11.48 18.96
CA THR A 3 -37.47 -11.83 19.10
C THR A 3 -36.90 -12.10 17.72
N ARG A 4 -35.89 -11.32 17.34
CA ARG A 4 -35.32 -11.46 16.01
C ARG A 4 -33.82 -11.31 15.98
N ARG A 5 -33.21 -11.80 14.90
CA ARG A 5 -31.82 -11.47 14.61
C ARG A 5 -31.61 -9.97 14.65
N ASN A 6 -30.55 -9.51 15.32
CA ASN A 6 -30.20 -8.10 15.29
C ASN A 6 -29.29 -7.82 14.09
N ILE A 7 -28.83 -6.58 13.97
CA ILE A 7 -28.09 -6.19 12.78
C ILE A 7 -26.59 -6.25 12.97
N VAL A 8 -26.16 -6.87 14.06
CA VAL A 8 -24.72 -7.03 14.32
C VAL A 8 -24.14 -7.95 13.25
N GLY A 9 -23.13 -7.47 12.54
CA GLY A 9 -22.52 -8.24 11.48
C GLY A 9 -23.02 -7.83 10.10
N CYS A 10 -24.03 -6.97 10.05
CA CYS A 10 -24.58 -6.55 8.77
C CYS A 10 -23.89 -5.31 8.25
N ARG A 11 -23.88 -5.16 6.94
CA ARG A 11 -23.47 -3.93 6.31
C ARG A 11 -24.66 -2.98 6.28
N ILE A 12 -24.43 -1.71 6.62
CA ILE A 12 -25.50 -0.73 6.64
C ILE A 12 -25.13 0.54 5.88
N GLN A 13 -26.14 1.29 5.50
CA GLN A 13 -25.93 2.61 4.92
C GLN A 13 -27.03 3.57 5.34
N HIS A 14 -26.68 4.85 5.42
CA HIS A 14 -27.64 5.87 5.82
C HIS A 14 -27.13 7.27 5.55
N GLY A 15 -28.04 8.22 5.39
CA GLY A 15 -27.67 9.62 5.26
C GLY A 15 -27.32 10.18 6.62
N TRP A 16 -26.58 11.29 6.64
N TRP A 16 -26.61 11.30 6.63
CA TRP A 16 -26.16 11.89 7.90
CA TRP A 16 -26.13 11.92 7.85
C TRP A 16 -26.24 13.42 7.84
C TRP A 16 -26.31 13.43 7.75
N LYS A 17 -27.17 13.99 8.60
CA LYS A 17 -27.39 15.44 8.59
C LYS A 17 -27.21 16.07 9.97
N GLU A 18 -26.19 16.91 10.12
CA GLU A 18 -25.96 17.58 11.39
C GLU A 18 -25.71 19.08 11.16
N GLY A 19 -26.28 19.89 12.05
CA GLY A 19 -26.14 21.33 11.99
C GLY A 19 -26.69 21.89 10.69
N ASN A 20 -25.90 22.74 10.03
CA ASN A 20 -26.29 23.32 8.74
C ASN A 20 -25.38 22.80 7.64
N GLU A 21 -24.58 21.80 7.98
CA GLU A 21 -23.65 21.19 7.04
C GLU A 21 -24.42 20.39 6.01
N PRO A 22 -23.84 20.20 4.81
CA PRO A 22 -24.52 19.40 3.79
C PRO A 22 -24.66 17.93 4.18
N VAL A 23 -25.55 17.22 3.52
CA VAL A 23 -25.83 15.83 3.85
C VAL A 23 -24.80 14.89 3.24
N GLU A 24 -24.25 13.98 4.05
CA GLU A 24 -23.28 13.01 3.57
C GLU A 24 -23.92 11.63 3.46
N GLN A 25 -23.18 10.67 2.92
CA GLN A 25 -23.65 9.30 2.83
C GLN A 25 -22.69 8.34 3.51
N TRP A 26 -23.19 7.66 4.55
CA TRP A 26 -22.37 6.76 5.33
C TRP A 26 -22.67 5.30 4.99
N LYS A 27 -21.60 4.50 4.95
CA LYS A 27 -21.71 3.05 4.78
C LYS A 27 -20.78 2.41 5.81
N GLY A 28 -21.23 1.33 6.44
CA GLY A 28 -20.44 0.71 7.48
C GLY A 28 -20.86 -0.68 7.89
N THR A 29 -20.20 -1.21 8.92
CA THR A 29 -20.42 -2.55 9.42
C THR A 29 -20.70 -2.53 10.91
N VAL A 30 -21.82 -3.13 11.32
CA VAL A 30 -22.20 -3.10 12.72
C VAL A 30 -21.42 -4.15 13.50
N LEU A 31 -20.67 -3.72 14.52
CA LEU A 31 -19.78 -4.62 15.22
C LEU A 31 -20.41 -5.21 16.47
N GLU A 32 -21.31 -4.46 17.08
CA GLU A 32 -21.85 -4.84 18.37
C GLU A 32 -23.14 -4.07 18.70
N GLN A 33 -24.03 -4.72 19.44
CA GLN A 33 -25.17 -4.08 20.05
C GLN A 33 -24.91 -4.10 21.53
N VAL A 34 -24.85 -2.92 22.14
CA VAL A 34 -24.36 -2.84 23.52
C VAL A 34 -25.38 -3.45 24.48
N SER A 35 -24.95 -4.51 25.15
CA SER A 35 -25.81 -5.27 26.05
C SER A 35 -26.44 -4.39 27.15
N VAL A 36 -25.67 -3.49 27.71
CA VAL A 36 -26.16 -2.66 28.81
C VAL A 36 -26.94 -1.44 28.32
N LYS A 37 -26.97 -1.23 27.00
CA LYS A 37 -27.75 -0.11 26.40
C LYS A 37 -28.10 -0.47 24.96
N PRO A 38 -29.11 -1.36 24.78
CA PRO A 38 -29.35 -1.99 23.48
C PRO A 38 -29.79 -1.03 22.37
N THR A 39 -30.11 0.23 22.67
CA THR A 39 -30.35 1.19 21.62
C THR A 39 -29.03 1.63 20.98
N LEU A 40 -27.92 1.35 21.65
CA LEU A 40 -26.60 1.77 21.19
C LEU A 40 -25.87 0.69 20.36
N TYR A 41 -25.42 1.08 19.19
CA TYR A 41 -24.65 0.20 18.32
C TYR A 41 -23.25 0.75 18.14
N ILE A 42 -22.30 -0.17 17.98
CA ILE A 42 -20.92 0.16 17.68
C ILE A 42 -20.68 -0.16 16.19
N ILE A 43 -20.24 0.84 15.43
CA ILE A 43 -20.09 0.68 13.99
C ILE A 43 -18.70 1.10 13.48
N LYS A 44 -18.14 0.30 12.58
CA LYS A 44 -16.98 0.72 11.80
C LYS A 44 -17.46 1.09 10.41
N TYR A 45 -17.39 2.38 10.10
CA TYR A 45 -17.81 2.92 8.81
C TYR A 45 -16.67 2.85 7.80
N ASP A 46 -16.97 3.01 6.52
CA ASP A 46 -15.91 3.08 5.50
C ASP A 46 -15.25 4.46 5.49
N GLY A 47 -13.93 4.50 5.51
CA GLY A 47 -13.21 5.76 5.41
C GLY A 47 -13.09 6.64 6.65
N LYS A 48 -13.51 6.12 7.79
CA LYS A 48 -13.35 6.82 9.08
C LYS A 48 -12.68 5.82 10.02
N ASP A 49 -11.46 6.13 10.45
CA ASP A 49 -10.67 5.23 11.29
C ASP A 49 -11.20 5.12 12.71
N SER A 50 -11.96 6.13 13.13
CA SER A 50 -12.54 6.16 14.47
C SER A 50 -13.83 5.35 14.58
N VAL A 51 -13.90 4.49 15.59
CA VAL A 51 -15.08 3.67 15.82
C VAL A 51 -16.20 4.52 16.39
N TYR A 52 -17.41 4.39 15.85
CA TYR A 52 -18.54 5.20 16.29
C TYR A 52 -19.54 4.41 17.12
N GLY A 53 -20.14 5.09 18.09
CA GLY A 53 -21.29 4.58 18.80
C GLY A 53 -22.49 5.43 18.41
N LEU A 54 -23.56 4.78 17.96
CA LEU A 54 -24.75 5.51 17.51
C LEU A 54 -26.00 4.76 17.91
N GLU A 55 -27.00 5.51 18.37
CA GLU A 55 -28.34 4.98 18.58
C GLU A 55 -29.04 5.05 17.22
N LEU A 56 -28.78 4.06 16.39
CA LEU A 56 -29.15 4.08 14.98
C LEU A 56 -30.63 4.34 14.71
N HIS A 57 -31.49 3.85 15.60
CA HIS A 57 -32.93 3.94 15.38
C HIS A 57 -33.54 5.18 16.05
N ARG A 58 -32.74 5.87 16.86
CA ARG A 58 -33.25 6.98 17.66
C ARG A 58 -32.62 8.32 17.26
N ASP A 59 -31.42 8.26 16.71
CA ASP A 59 -30.64 9.45 16.41
C ASP A 59 -31.17 10.20 15.19
N LYS A 60 -31.56 11.46 15.38
CA LYS A 60 -32.18 12.24 14.30
C LYS A 60 -31.22 12.51 13.12
N ARG A 61 -29.92 12.45 13.38
CA ARG A 61 -28.95 12.68 12.32
C ARG A 61 -28.89 11.51 11.35
N VAL A 62 -29.34 10.35 11.80
CA VAL A 62 -29.35 9.16 10.97
C VAL A 62 -30.65 9.05 10.20
N LEU A 63 -30.60 9.33 8.90
CA LEU A 63 -31.80 9.33 8.09
C LEU A 63 -31.77 8.23 7.05
N ALA A 64 -32.93 7.61 6.83
CA ALA A 64 -33.12 6.55 5.85
C ALA A 64 -32.14 5.40 6.04
N LEU A 65 -32.02 4.91 7.28
CA LEU A 65 -31.20 3.75 7.57
C LEU A 65 -31.64 2.59 6.72
N GLU A 66 -30.69 1.86 6.17
CA GLU A 66 -31.01 0.76 5.27
C GLU A 66 -30.05 -0.39 5.55
N ILE A 67 -30.59 -1.58 5.75
CA ILE A 67 -29.77 -2.74 6.03
C ILE A 67 -29.40 -3.47 4.73
N LEU A 68 -28.12 -3.56 4.43
CA LEU A 68 -27.66 -4.13 3.17
C LEU A 68 -27.44 -5.63 3.17
N PRO A 69 -27.72 -6.30 2.05
CA PRO A 69 -27.42 -7.72 1.90
C PRO A 69 -25.94 -7.98 1.61
N GLU A 70 -25.18 -6.91 1.34
CA GLU A 70 -23.77 -7.03 1.00
C GLU A 70 -23.02 -7.74 2.12
N ARG A 71 -22.09 -8.61 1.75
CA ARG A 71 -21.39 -9.44 2.73
C ARG A 71 -20.12 -8.81 3.28
N VAL A 72 -19.78 -9.19 4.52
CA VAL A 72 -18.55 -8.76 5.16
C VAL A 72 -17.47 -9.81 4.95
N PRO A 73 -16.26 -9.38 4.57
CA PRO A 73 -15.19 -10.32 4.25
C PRO A 73 -14.64 -11.06 5.46
N THR A 74 -14.05 -12.23 5.22
CA THR A 74 -13.31 -12.95 6.26
C THR A 74 -11.96 -13.37 5.72
N PRO A 75 -11.04 -12.39 5.53
CA PRO A 75 -9.75 -12.66 4.91
C PRO A 75 -8.91 -13.63 5.73
N ARG A 76 -8.00 -14.34 5.05
CA ARG A 76 -7.13 -15.30 5.69
C ARG A 76 -6.05 -14.54 6.43
N ILE A 77 -5.80 -14.89 7.69
CA ILE A 77 -4.84 -14.15 8.48
C ILE A 77 -4.00 -15.07 9.36
N ASP A 78 -2.81 -14.62 9.75
CA ASP A 78 -1.99 -15.37 10.70
C ASP A 78 -2.60 -15.19 12.09
N SER A 79 -3.38 -16.18 12.53
CA SER A 79 -4.14 -16.03 13.77
C SER A 79 -3.23 -15.91 14.99
N ARG A 80 -2.23 -16.79 15.06
CA ARG A 80 -1.28 -16.79 16.17
C ARG A 80 -0.57 -15.44 16.28
N LEU A 81 -0.18 -14.90 15.14
CA LEU A 81 0.46 -13.58 15.09
C LEU A 81 -0.46 -12.50 15.60
N ALA A 82 -1.70 -12.49 15.11
CA ALA A 82 -2.68 -11.51 15.53
C ALA A 82 -2.90 -11.57 17.03
N ASP A 83 -2.99 -12.78 17.57
CA ASP A 83 -3.20 -12.97 18.99
C ASP A 83 -2.03 -12.38 19.78
N SER A 84 -0.84 -12.46 19.20
CA SER A 84 0.38 -12.02 19.86
C SER A 84 0.47 -10.49 19.93
N LEU A 85 -0.28 -9.80 19.08
CA LEU A 85 -0.26 -8.34 19.10
C LEU A 85 -1.13 -7.78 20.21
N ILE A 86 -2.10 -8.57 20.67
CA ILE A 86 -3.08 -8.09 21.64
C ILE A 86 -2.46 -7.79 22.99
N GLY A 87 -2.71 -6.59 23.48
CA GLY A 87 -2.18 -6.16 24.75
C GLY A 87 -0.79 -5.55 24.66
N LYS A 88 -0.27 -5.40 23.44
CA LYS A 88 1.07 -4.84 23.26
C LYS A 88 1.01 -3.33 23.08
N ALA A 89 1.90 -2.62 23.77
CA ALA A 89 2.17 -1.23 23.43
C ALA A 89 2.92 -1.20 22.12
N VAL A 90 2.58 -0.23 21.28
CA VAL A 90 3.20 -0.17 19.97
C VAL A 90 3.61 1.25 19.62
N GLU A 91 4.51 1.37 18.65
CA GLU A 91 4.81 2.65 18.04
C GLU A 91 4.30 2.57 16.62
N HIS A 92 3.22 3.30 16.35
CA HIS A 92 2.52 3.23 15.09
C HIS A 92 2.84 4.45 14.21
N VAL A 93 3.38 4.18 13.03
CA VAL A 93 3.87 5.26 12.18
C VAL A 93 2.79 5.80 11.24
N PHE A 94 2.61 7.12 11.28
CA PHE A 94 1.70 7.80 10.37
C PHE A 94 2.46 8.86 9.58
N GLU A 95 1.80 9.48 8.60
CA GLU A 95 2.43 10.49 7.76
C GLU A 95 2.26 11.89 8.33
N THR A 100 6.37 14.40 6.57
CA THR A 100 6.86 14.25 7.93
C THR A 100 6.22 13.02 8.59
N LYS A 101 6.97 11.94 8.68
CA LYS A 101 6.55 10.74 9.40
C LYS A 101 6.47 10.92 10.93
N ASP A 102 5.32 10.60 11.50
CA ASP A 102 5.15 10.69 12.96
C ASP A 102 4.93 9.35 13.61
N GLU A 103 5.54 9.16 14.77
CA GLU A 103 5.29 7.96 15.58
C GLU A 103 4.26 8.27 16.65
N TRP A 104 3.19 7.47 16.65
CA TRP A 104 2.16 7.57 17.67
C TRP A 104 2.20 6.40 18.63
N LYS A 105 2.41 6.70 19.90
CA LYS A 105 2.36 5.69 20.94
C LYS A 105 0.92 5.21 21.11
N GLY A 106 0.73 3.91 21.06
CA GLY A 106 -0.58 3.31 21.16
C GLY A 106 -0.59 1.97 21.86
N MET A 107 -1.77 1.42 22.03
CA MET A 107 -1.94 0.15 22.71
C MET A 107 -2.95 -0.70 21.95
N VAL A 108 -2.52 -1.85 21.45
CA VAL A 108 -3.44 -2.76 20.78
C VAL A 108 -4.32 -3.46 21.80
N LEU A 109 -5.63 -3.27 21.68
CA LEU A 109 -6.57 -3.66 22.70
C LEU A 109 -7.26 -5.01 22.50
N ALA A 110 -7.57 -5.33 21.24
CA ALA A 110 -8.32 -6.54 20.93
C ALA A 110 -8.44 -6.75 19.44
N ARG A 111 -8.73 -7.99 19.03
CA ARG A 111 -9.23 -8.25 17.69
C ARG A 111 -10.70 -7.79 17.68
N ALA A 112 -11.08 -7.00 16.69
CA ALA A 112 -12.42 -6.44 16.66
C ALA A 112 -13.45 -7.56 16.44
N PRO A 113 -14.65 -7.42 17.03
CA PRO A 113 -15.78 -8.31 16.75
C PRO A 113 -16.17 -8.23 15.29
N VAL A 114 -16.73 -9.31 14.76
CA VAL A 114 -17.20 -9.38 13.37
C VAL A 114 -16.05 -9.23 12.37
N MET A 115 -15.36 -8.09 12.38
CA MET A 115 -14.20 -7.93 11.49
C MET A 115 -12.91 -8.33 12.23
N ASP A 116 -12.72 -9.63 12.48
CA ASP A 116 -11.67 -10.07 13.40
C ASP A 116 -10.26 -10.07 12.81
N THR A 117 -10.11 -9.54 11.61
CA THR A 117 -8.77 -9.32 11.05
C THR A 117 -8.38 -7.86 11.24
N TRP A 118 -9.29 -7.07 11.82
CA TRP A 118 -9.00 -5.70 12.20
C TRP A 118 -8.79 -5.60 13.72
N PHE A 119 -8.07 -4.56 14.15
CA PHE A 119 -7.73 -4.45 15.56
C PHE A 119 -8.31 -3.20 16.22
N TYR A 120 -8.84 -3.36 17.42
CA TYR A 120 -9.07 -2.24 18.32
C TYR A 120 -7.75 -1.68 18.82
N ILE A 121 -7.50 -0.40 18.61
CA ILE A 121 -6.28 0.24 19.08
C ILE A 121 -6.61 1.68 19.51
N THR A 122 -5.96 2.15 20.58
CA THR A 122 -6.12 3.52 21.04
C THR A 122 -4.74 4.15 21.17
N TYR A 123 -4.68 5.47 21.32
CA TYR A 123 -3.40 6.15 21.35
C TYR A 123 -3.25 7.05 22.57
N GLU A 124 -2.04 7.13 23.10
CA GLU A 124 -1.78 7.84 24.33
C GLU A 124 -2.23 9.29 24.26
N LYS A 125 -1.97 9.93 23.12
CA LYS A 125 -2.29 11.33 22.92
C LYS A 125 -3.69 11.54 22.33
N ASP A 126 -4.37 10.43 22.00
CA ASP A 126 -5.71 10.50 21.41
C ASP A 126 -6.48 9.25 21.84
N PRO A 127 -6.92 9.24 23.10
CA PRO A 127 -7.43 8.02 23.74
C PRO A 127 -8.88 7.67 23.36
N VAL A 128 -9.19 7.61 22.07
CA VAL A 128 -10.46 7.07 21.62
C VAL A 128 -10.21 5.80 20.81
N LEU A 129 -11.27 5.07 20.48
CA LEU A 129 -11.12 3.77 19.85
C LEU A 129 -10.93 3.90 18.35
N TYR A 130 -9.86 3.30 17.84
CA TYR A 130 -9.60 3.24 16.41
C TYR A 130 -9.58 1.80 15.94
N MET A 131 -9.64 1.62 14.62
CA MET A 131 -9.62 0.28 14.03
C MET A 131 -8.79 0.24 12.77
N TYR A 132 -7.80 -0.66 12.76
CA TYR A 132 -6.93 -0.86 11.60
C TYR A 132 -6.62 -2.33 11.34
N THR A 133 -6.20 -2.64 10.12
CA THR A 133 -5.69 -3.97 9.80
C THR A 133 -4.20 -4.02 10.13
N LEU A 134 -3.89 -4.01 11.43
CA LEU A 134 -2.52 -3.87 11.93
C LEU A 134 -1.46 -4.83 11.39
N LEU A 135 -1.85 -6.06 11.04
CA LEU A 135 -0.85 -7.03 10.55
C LEU A 135 -0.20 -6.54 9.26
N ASP A 136 -0.93 -5.69 8.54
N ASP A 136 -0.93 -5.71 8.53
CA ASP A 136 -0.41 -5.12 7.31
CA ASP A 136 -0.42 -5.11 7.31
C ASP A 136 0.52 -3.94 7.58
C ASP A 136 0.60 -4.02 7.64
N ASP A 137 0.41 -3.37 8.79
CA ASP A 137 1.32 -2.33 9.24
C ASP A 137 2.62 -2.93 9.77
N TYR A 138 2.50 -4.05 10.48
CA TYR A 138 3.63 -4.74 11.06
C TYR A 138 4.57 -5.30 9.99
N LYS A 139 3.98 -5.86 8.93
CA LYS A 139 4.77 -6.41 7.83
C LYS A 139 5.46 -5.30 7.03
N ASP A 140 4.79 -4.16 6.91
CA ASP A 140 5.35 -3.03 6.16
C ASP A 140 6.37 -2.25 6.98
N GLY A 141 6.55 -2.64 8.23
CA GLY A 141 7.52 -2.00 9.10
C GLY A 141 7.05 -0.66 9.65
N ASP A 142 5.74 -0.53 9.86
CA ASP A 142 5.18 0.71 10.38
C ASP A 142 4.64 0.50 11.78
N LEU A 143 4.93 -0.67 12.34
CA LEU A 143 4.40 -1.07 13.63
C LEU A 143 5.47 -1.81 14.41
N ARG A 144 6.13 -1.11 15.33
CA ARG A 144 7.11 -1.73 16.21
CA ARG A 144 7.10 -1.76 16.20
C ARG A 144 6.53 -1.89 17.61
N ILE A 145 6.56 -3.10 18.14
CA ILE A 145 5.95 -3.31 19.44
C ILE A 145 6.96 -3.11 20.55
N ILE A 146 6.45 -2.64 21.69
CA ILE A 146 7.27 -2.35 22.86
CA ILE A 146 7.29 -2.36 22.84
C ILE A 146 6.98 -3.35 23.96
N PRO A 147 7.79 -4.43 24.04
CA PRO A 147 7.56 -5.52 24.99
C PRO A 147 7.53 -5.06 26.45
N ASP A 148 8.43 -4.15 26.82
CA ASP A 148 8.45 -3.59 28.17
C ASP A 148 8.00 -2.13 28.15
N SER A 149 6.71 -1.91 28.36
CA SER A 149 6.13 -0.58 28.18
C SER A 149 5.61 0.09 29.46
N ASN A 150 5.45 1.41 29.36
CA ASN A 150 4.86 2.27 30.40
C ASN A 150 3.77 3.19 29.83
N TYR A 151 2.58 2.62 29.63
CA TYR A 151 1.52 3.29 28.90
C TYR A 151 0.52 4.00 29.82
N TYR A 152 0.10 5.21 29.43
CA TYR A 152 -0.84 5.98 30.27
C TYR A 152 -2.20 6.17 29.62
N PHE A 153 -3.24 5.60 30.24
CA PHE A 153 -4.63 5.87 29.86
C PHE A 153 -5.18 7.03 30.69
N PRO A 154 -6.18 7.75 30.17
CA PRO A 154 -6.85 8.66 31.12
C PRO A 154 -7.52 7.81 32.20
N THR A 155 -7.57 8.34 33.41
CA THR A 155 -8.07 7.61 34.56
C THR A 155 -9.53 7.89 34.86
N ALA A 156 -10.26 6.85 35.24
CA ALA A 156 -11.63 7.01 35.71
C ALA A 156 -11.70 6.67 37.19
N GLU A 157 -12.16 7.58 38.03
CA GLU A 157 -12.21 7.28 39.46
C GLU A 157 -13.48 6.52 39.84
N GLN A 158 -13.31 5.49 40.65
CA GLN A 158 -14.45 4.74 41.18
C GLN A 158 -14.64 5.15 42.63
N GLU A 159 -15.79 4.84 43.20
CA GLU A 159 -16.08 5.21 44.58
C GLU A 159 -16.41 4.00 45.45
N SER A 166 -18.90 -5.28 38.90
CA SER A 166 -18.68 -5.05 37.49
C SER A 166 -19.06 -3.63 37.10
N LEU A 167 -18.12 -2.90 36.51
CA LEU A 167 -18.32 -1.51 36.20
C LEU A 167 -19.13 -1.31 34.94
N VAL A 168 -19.09 -2.28 34.04
CA VAL A 168 -19.84 -2.19 32.78
CA VAL A 168 -19.84 -2.19 32.78
C VAL A 168 -21.33 -2.02 33.09
N GLY A 169 -21.95 -1.02 32.50
CA GLY A 169 -23.35 -0.71 32.75
C GLY A 169 -23.50 0.41 33.76
N LYS A 170 -22.44 0.70 34.52
CA LYS A 170 -22.52 1.79 35.49
C LYS A 170 -22.28 3.13 34.80
N GLN A 171 -22.95 4.16 35.29
CA GLN A 171 -22.87 5.48 34.69
C GLN A 171 -21.71 6.30 35.22
N VAL A 172 -21.19 7.18 34.37
CA VAL A 172 -20.17 8.14 34.76
C VAL A 172 -20.57 9.55 34.44
N GLU A 173 -19.85 10.47 35.06
CA GLU A 173 -19.88 11.85 34.67
C GLU A 173 -18.45 12.28 34.38
N HIS A 174 -18.31 13.11 33.36
CA HIS A 174 -17.02 13.70 33.06
C HIS A 174 -17.11 15.18 33.38
N ALA A 175 -16.39 15.59 34.42
CA ALA A 175 -16.37 16.97 34.84
C ALA A 175 -15.25 17.67 34.09
N LYS A 176 -15.66 18.52 33.16
CA LYS A 176 -14.71 19.19 32.29
C LYS A 176 -14.09 20.40 32.94
N ASP A 177 -13.04 20.90 32.31
CA ASP A 177 -12.30 22.05 32.83
C ASP A 177 -13.11 23.34 32.91
N ASP A 178 -14.18 23.45 32.13
CA ASP A 178 -14.99 24.68 32.13
C ASP A 178 -16.06 24.66 33.23
N GLY A 179 -16.04 23.62 34.05
CA GLY A 179 -16.98 23.48 35.15
C GLY A 179 -18.25 22.70 34.78
N SER A 180 -18.44 22.46 33.49
CA SER A 180 -19.61 21.71 33.05
C SER A 180 -19.39 20.19 33.13
N LYS A 181 -20.47 19.43 33.06
CA LYS A 181 -20.37 17.96 33.10
C LYS A 181 -21.05 17.30 31.92
N ARG A 182 -20.62 16.08 31.61
CA ARG A 182 -21.39 15.25 30.70
C ARG A 182 -21.55 13.84 31.21
N THR A 183 -22.67 13.22 30.86
CA THR A 183 -22.95 11.88 31.33
C THR A 183 -22.47 10.83 30.32
N GLY A 184 -22.14 9.66 30.86
CA GLY A 184 -21.78 8.53 30.01
C GLY A 184 -22.00 7.22 30.72
N ILE A 185 -21.61 6.13 30.07
CA ILE A 185 -21.76 4.82 30.67
C ILE A 185 -20.60 3.92 30.25
N PHE A 186 -20.13 3.08 31.16
CA PHE A 186 -19.15 2.04 30.85
C PHE A 186 -19.82 0.99 29.96
N ILE A 187 -19.29 0.74 28.77
CA ILE A 187 -19.93 -0.22 27.87
C ILE A 187 -19.09 -1.49 27.61
N HIS A 188 -17.83 -1.51 28.02
CA HIS A 188 -16.97 -2.67 27.72
C HIS A 188 -15.79 -2.73 28.68
N GLN A 189 -15.44 -3.92 29.13
CA GLN A 189 -14.20 -4.14 29.85
C GLN A 189 -13.28 -4.92 28.92
N VAL A 190 -12.08 -4.38 28.68
CA VAL A 190 -11.16 -5.02 27.74
C VAL A 190 -10.66 -6.33 28.28
N VAL A 191 -10.96 -7.41 27.56
CA VAL A 191 -10.61 -8.75 28.00
C VAL A 191 -9.09 -8.91 28.23
N ALA A 192 -8.28 -8.37 27.33
CA ALA A 192 -6.83 -8.58 27.47
C ALA A 192 -6.22 -7.67 28.56
N LYS A 193 -6.90 -6.59 28.91
CA LYS A 193 -6.42 -5.65 29.90
C LYS A 193 -7.56 -5.22 30.82
N PRO A 194 -7.88 -6.06 31.82
CA PRO A 194 -9.10 -5.94 32.63
C PRO A 194 -9.27 -4.62 33.37
N SER A 195 -8.21 -3.86 33.58
CA SER A 195 -8.34 -2.54 34.23
CA SER A 195 -8.32 -2.54 34.21
C SER A 195 -8.68 -1.45 33.22
N VAL A 196 -8.90 -1.82 31.96
CA VAL A 196 -9.19 -0.84 30.92
C VAL A 196 -10.62 -1.03 30.44
N TYR A 197 -11.32 0.09 30.27
CA TYR A 197 -12.75 0.09 29.91
C TYR A 197 -13.02 1.01 28.75
N PHE A 198 -14.14 0.77 28.05
CA PHE A 198 -14.64 1.74 27.07
C PHE A 198 -15.81 2.47 27.69
N ILE A 199 -15.86 3.76 27.43
CA ILE A 199 -16.95 4.62 27.89
C ILE A 199 -17.60 5.32 26.71
N LYS A 200 -18.92 5.36 26.73
CA LYS A 200 -19.65 6.11 25.73
C LYS A 200 -20.39 7.28 26.40
N PHE A 201 -20.07 8.49 25.97
CA PHE A 201 -20.77 9.69 26.46
C PHE A 201 -21.99 9.99 25.56
N ASP A 202 -23.08 10.38 26.19
CA ASP A 202 -24.31 10.68 25.45
C ASP A 202 -24.11 11.70 24.33
N ASP A 203 -23.25 12.69 24.56
CA ASP A 203 -23.15 13.82 23.63
C ASP A 203 -22.08 13.68 22.55
N ASP A 204 -21.52 12.47 22.45
CA ASP A 204 -20.33 12.28 21.65
C ASP A 204 -20.39 10.94 20.95
N ILE A 205 -20.02 10.92 19.67
CA ILE A 205 -20.11 9.65 18.93
CA ILE A 205 -20.03 9.73 18.82
C ILE A 205 -18.90 8.74 19.11
N HIS A 206 -17.80 9.26 19.66
CA HIS A 206 -16.60 8.45 19.85
C HIS A 206 -16.66 7.49 21.04
N ILE A 207 -15.84 6.44 20.99
CA ILE A 207 -15.72 5.52 22.11
C ILE A 207 -14.42 5.82 22.87
N TYR A 208 -14.56 6.13 24.16
CA TYR A 208 -13.40 6.61 24.92
C TYR A 208 -12.81 5.48 25.73
N VAL A 209 -11.48 5.44 25.74
CA VAL A 209 -10.78 4.40 26.45
C VAL A 209 -10.19 4.92 27.76
N TYR A 210 -10.59 4.29 28.86
CA TYR A 210 -10.16 4.72 30.19
C TYR A 210 -9.55 3.58 30.96
N GLY A 211 -8.65 3.90 31.88
CA GLY A 211 -8.10 2.94 32.78
C GLY A 211 -8.57 3.25 34.18
N LEU A 212 -8.56 2.23 35.04
CA LEU A 212 -8.90 2.42 36.44
C LEU A 212 -7.64 2.75 37.23
N VAL A 213 -7.80 3.55 38.27
CA VAL A 213 -6.72 3.85 39.19
C VAL A 213 -7.25 4.46 40.47
N SER B 1 43.52 4.69 -23.49
CA SER B 1 44.60 4.44 -22.54
C SER B 1 44.38 3.15 -21.77
N MET B 2 43.13 2.72 -21.61
CA MET B 2 42.88 1.45 -20.95
C MET B 2 41.69 0.68 -21.52
N THR B 3 41.86 -0.62 -21.63
CA THR B 3 40.80 -1.53 -22.02
C THR B 3 40.59 -2.50 -20.88
N ARG B 4 39.37 -2.52 -20.36
CA ARG B 4 39.09 -3.35 -19.19
C ARG B 4 37.73 -4.00 -19.27
N ARG B 5 37.54 -5.05 -18.47
CA ARG B 5 36.21 -5.60 -18.24
C ARG B 5 35.27 -4.48 -17.77
N ASN B 6 34.06 -4.39 -18.33
CA ASN B 6 33.12 -3.40 -17.82
C ASN B 6 32.31 -4.01 -16.66
N ILE B 7 31.33 -3.27 -16.12
CA ILE B 7 30.63 -3.78 -14.95
C ILE B 7 29.30 -4.50 -15.29
N VAL B 8 29.07 -4.75 -16.58
CA VAL B 8 27.88 -5.49 -16.98
C VAL B 8 27.96 -6.91 -16.45
N GLY B 9 26.90 -7.34 -15.76
CA GLY B 9 26.86 -8.67 -15.19
C GLY B 9 27.22 -8.65 -13.71
N CYS B 10 27.68 -7.50 -13.21
CA CYS B 10 28.05 -7.37 -11.80
C CYS B 10 26.92 -6.87 -10.91
N ARG B 11 27.00 -7.26 -9.65
CA ARG B 11 26.17 -6.74 -8.57
C ARG B 11 26.79 -5.44 -8.05
N ILE B 12 25.96 -4.42 -7.83
CA ILE B 12 26.44 -3.14 -7.33
C ILE B 12 25.62 -2.63 -6.16
N GLN B 13 26.23 -1.72 -5.39
CA GLN B 13 25.51 -1.01 -4.36
C GLN B 13 26.00 0.42 -4.30
N HIS B 14 25.10 1.32 -3.92
CA HIS B 14 25.45 2.73 -3.84
C HIS B 14 24.38 3.55 -3.11
N GLY B 15 24.78 4.69 -2.55
CA GLY B 15 23.85 5.61 -1.95
C GLY B 15 23.14 6.41 -3.03
N TRP B 16 22.00 6.99 -2.70
CA TRP B 16 21.22 7.74 -3.67
C TRP B 16 20.71 8.99 -2.96
N LYS B 17 21.20 10.16 -3.34
CA LYS B 17 20.82 11.38 -2.65
C LYS B 17 20.19 12.33 -3.64
N GLU B 18 18.90 12.59 -3.46
CA GLU B 18 18.17 13.44 -4.38
C GLU B 18 17.33 14.47 -3.66
N GLY B 19 17.32 15.68 -4.19
CA GLY B 19 16.49 16.74 -3.65
C GLY B 19 16.79 17.02 -2.19
N ASN B 20 15.74 17.02 -1.37
CA ASN B 20 15.86 17.25 0.05
C ASN B 20 15.56 15.98 0.86
N GLU B 21 15.39 14.87 0.15
CA GLU B 21 15.11 13.58 0.78
C GLU B 21 16.37 13.03 1.46
N PRO B 22 16.18 12.20 2.50
CA PRO B 22 17.33 11.55 3.15
C PRO B 22 17.97 10.51 2.24
N VAL B 23 19.18 10.08 2.55
CA VAL B 23 19.91 9.14 1.69
C VAL B 23 19.42 7.69 1.90
N GLU B 24 19.18 7.01 0.78
CA GLU B 24 18.73 5.61 0.72
C GLU B 24 19.92 4.74 0.33
N GLN B 25 19.77 3.43 0.35
CA GLN B 25 20.86 2.58 -0.09
C GLN B 25 20.36 1.66 -1.20
N TRP B 26 20.92 1.81 -2.40
CA TRP B 26 20.46 1.03 -3.55
C TRP B 26 21.40 -0.12 -3.83
N LYS B 27 20.82 -1.27 -4.20
CA LYS B 27 21.57 -2.43 -4.63
C LYS B 27 20.93 -2.99 -5.89
N GLY B 28 21.73 -3.40 -6.86
CA GLY B 28 21.18 -3.90 -8.11
C GLY B 28 22.19 -4.62 -8.97
N THR B 29 21.78 -5.03 -10.17
CA THR B 29 22.69 -5.73 -11.08
C THR B 29 22.67 -5.09 -12.47
N VAL B 30 23.86 -4.80 -12.98
CA VAL B 30 24.01 -4.09 -14.24
C VAL B 30 23.73 -4.99 -15.42
N LEU B 31 22.76 -4.60 -16.26
CA LEU B 31 22.32 -5.45 -17.35
C LEU B 31 22.97 -5.11 -18.68
N GLU B 32 23.34 -3.85 -18.86
CA GLU B 32 23.81 -3.40 -20.15
C GLU B 32 24.58 -2.09 -20.01
N GLN B 33 25.61 -1.93 -20.84
CA GLN B 33 26.29 -0.66 -21.00
C GLN B 33 25.92 -0.22 -22.41
N VAL B 34 25.26 0.93 -22.51
CA VAL B 34 24.66 1.31 -23.79
C VAL B 34 25.69 1.70 -24.83
N SER B 35 25.78 0.92 -25.90
CA SER B 35 26.85 1.11 -26.87
CA SER B 35 26.86 1.11 -26.87
C SER B 35 26.84 2.51 -27.48
N VAL B 36 25.64 3.07 -27.70
CA VAL B 36 25.57 4.40 -28.32
C VAL B 36 25.72 5.51 -27.30
N LYS B 37 25.82 5.16 -26.02
CA LYS B 37 26.06 6.17 -24.99
C LYS B 37 26.69 5.49 -23.78
N PRO B 38 27.99 5.18 -23.87
CA PRO B 38 28.65 4.25 -22.93
C PRO B 38 28.73 4.75 -21.48
N THR B 39 28.38 6.01 -21.23
CA THR B 39 28.27 6.50 -19.86
C THR B 39 26.98 5.99 -19.20
N LEU B 40 26.04 5.53 -20.04
CA LEU B 40 24.74 5.07 -19.57
C LEU B 40 24.67 3.57 -19.35
N TYR B 41 24.22 3.19 -18.16
CA TYR B 41 24.05 1.80 -17.79
C TYR B 41 22.57 1.53 -17.55
N ILE B 42 22.17 0.31 -17.85
CA ILE B 42 20.82 -0.16 -17.59
C ILE B 42 20.91 -1.09 -16.38
N ILE B 43 20.15 -0.80 -15.33
CA ILE B 43 20.24 -1.56 -14.08
C ILE B 43 18.88 -2.07 -13.61
N LYS B 44 18.85 -3.30 -13.10
CA LYS B 44 17.68 -3.81 -12.38
C LYS B 44 17.99 -3.73 -10.90
N TYR B 45 17.35 -2.80 -10.18
CA TYR B 45 17.61 -2.68 -8.76
C TYR B 45 16.70 -3.62 -7.98
N ASP B 46 17.12 -3.98 -6.78
CA ASP B 46 16.32 -4.88 -5.96
C ASP B 46 15.14 -4.14 -5.35
N GLY B 47 13.95 -4.74 -5.45
CA GLY B 47 12.76 -4.17 -4.86
C GLY B 47 12.14 -3.10 -5.73
N LYS B 48 12.66 -2.94 -6.93
CA LYS B 48 12.11 -2.00 -7.90
C LYS B 48 11.86 -2.68 -9.24
N ASP B 49 10.59 -2.77 -9.62
CA ASP B 49 10.18 -3.49 -10.82
C ASP B 49 10.52 -2.76 -12.11
N SER B 50 10.63 -1.44 -12.03
CA SER B 50 10.96 -0.63 -13.20
C SER B 50 12.47 -0.57 -13.45
N VAL B 51 12.88 -0.81 -14.69
CA VAL B 51 14.28 -0.80 -15.07
C VAL B 51 14.82 0.62 -15.10
N TYR B 52 15.99 0.85 -14.53
CA TYR B 52 16.56 2.18 -14.50
C TYR B 52 17.71 2.36 -15.47
N GLY B 53 17.81 3.57 -16.03
CA GLY B 53 18.98 4.00 -16.76
C GLY B 53 19.69 5.08 -15.96
N LEU B 54 20.97 4.88 -15.71
CA LEU B 54 21.74 5.81 -14.89
C LEU B 54 23.14 5.95 -15.43
N GLU B 55 23.65 7.18 -15.46
CA GLU B 55 25.05 7.41 -15.74
C GLU B 55 25.79 7.26 -14.40
N LEU B 56 26.05 6.01 -14.04
CA LEU B 56 26.52 5.66 -12.69
C LEU B 56 27.75 6.43 -12.23
N HIS B 57 28.61 6.79 -13.17
CA HIS B 57 29.89 7.41 -12.80
C HIS B 57 29.83 8.93 -12.82
N ARG B 58 28.73 9.48 -13.33
CA ARG B 58 28.59 10.92 -13.47
C ARG B 58 27.46 11.49 -12.63
N ASP B 59 26.48 10.65 -12.31
CA ASP B 59 25.28 11.13 -11.65
C ASP B 59 25.57 11.51 -10.19
N LYS B 60 25.36 12.79 -9.86
CA LYS B 60 25.67 13.30 -8.53
C LYS B 60 24.81 12.66 -7.44
N ARG B 61 23.67 12.12 -7.86
CA ARG B 61 22.77 11.47 -6.91
C ARG B 61 23.34 10.14 -6.47
N VAL B 62 24.24 9.59 -7.28
CA VAL B 62 24.88 8.32 -7.00
C VAL B 62 26.15 8.53 -6.17
N LEU B 63 26.09 8.13 -4.91
CA LEU B 63 27.19 8.38 -3.99
C LEU B 63 27.93 7.09 -3.64
N ALA B 64 29.26 7.16 -3.61
CA ALA B 64 30.10 6.03 -3.20
C ALA B 64 29.80 4.72 -3.96
N LEU B 65 29.71 4.77 -5.28
CA LEU B 65 29.46 3.56 -6.06
C LEU B 65 30.50 2.49 -5.76
N GLU B 66 30.02 1.27 -5.60
CA GLU B 66 30.86 0.13 -5.22
C GLU B 66 30.42 -1.13 -5.94
N ILE B 67 31.38 -1.86 -6.50
CA ILE B 67 31.08 -3.11 -7.16
C ILE B 67 31.12 -4.26 -6.18
N LEU B 68 30.01 -4.97 -6.06
CA LEU B 68 29.88 -6.02 -5.06
C LEU B 68 30.51 -7.30 -5.62
N PRO B 69 31.15 -8.08 -4.74
CA PRO B 69 31.74 -9.36 -5.14
C PRO B 69 30.70 -10.47 -5.32
N GLU B 70 29.48 -10.23 -4.89
CA GLU B 70 28.41 -11.23 -5.00
C GLU B 70 28.14 -11.64 -6.43
N ARG B 71 27.93 -12.94 -6.65
CA ARG B 71 27.71 -13.48 -7.99
C ARG B 71 26.22 -13.50 -8.34
N VAL B 72 25.92 -13.42 -9.63
CA VAL B 72 24.53 -13.50 -10.10
C VAL B 72 24.20 -14.93 -10.55
N PRO B 73 23.01 -15.42 -10.13
CA PRO B 73 22.53 -16.77 -10.37
C PRO B 73 22.13 -17.06 -11.82
N THR B 74 22.08 -18.34 -12.17
CA THR B 74 21.57 -18.81 -13.46
C THR B 74 20.52 -19.89 -13.20
N PRO B 75 19.32 -19.49 -12.73
CA PRO B 75 18.26 -20.40 -12.25
C PRO B 75 17.74 -21.35 -13.33
N ARG B 76 17.27 -22.51 -12.91
CA ARG B 76 16.73 -23.51 -13.84
C ARG B 76 15.29 -23.19 -14.25
N ILE B 77 15.04 -23.09 -15.55
CA ILE B 77 13.71 -22.80 -16.05
C ILE B 77 13.47 -23.43 -17.42
N ASP B 78 12.19 -23.56 -17.80
CA ASP B 78 11.81 -24.06 -19.14
C ASP B 78 12.14 -23.02 -20.22
N SER B 79 13.23 -23.23 -20.95
CA SER B 79 13.71 -22.25 -21.91
C SER B 79 12.75 -22.05 -23.09
N ARG B 80 12.31 -23.15 -23.69
CA ARG B 80 11.40 -23.08 -24.84
C ARG B 80 10.12 -22.32 -24.49
N LEU B 81 9.62 -22.56 -23.28
CA LEU B 81 8.45 -21.86 -22.79
C LEU B 81 8.74 -20.37 -22.70
N ALA B 82 9.89 -20.04 -22.11
CA ALA B 82 10.29 -18.66 -21.97
C ALA B 82 10.37 -17.98 -23.34
N ASP B 83 10.97 -18.66 -24.30
CA ASP B 83 11.11 -18.13 -25.65
C ASP B 83 9.72 -17.92 -26.29
N SER B 84 8.77 -18.78 -25.94
CA SER B 84 7.44 -18.74 -26.56
C SER B 84 6.61 -17.55 -26.08
N LEU B 85 7.00 -16.98 -24.94
CA LEU B 85 6.33 -15.82 -24.38
C LEU B 85 6.73 -14.52 -25.07
N ILE B 86 7.91 -14.53 -25.69
CA ILE B 86 8.44 -13.30 -26.27
C ILE B 86 7.61 -12.82 -27.46
N GLY B 87 7.25 -11.55 -27.43
CA GLY B 87 6.44 -10.97 -28.49
C GLY B 87 4.95 -11.14 -28.27
N LYS B 88 4.58 -11.72 -27.14
CA LYS B 88 3.15 -11.96 -26.89
C LYS B 88 2.51 -10.83 -26.11
N ALA B 89 1.33 -10.38 -26.55
CA ALA B 89 0.52 -9.54 -25.71
C ALA B 89 -0.05 -10.38 -24.60
N VAL B 90 -0.13 -9.80 -23.41
CA VAL B 90 -0.59 -10.53 -22.25
C VAL B 90 -1.56 -9.73 -21.41
N GLU B 91 -2.29 -10.45 -20.58
CA GLU B 91 -3.07 -9.84 -19.52
C GLU B 91 -2.40 -10.22 -18.21
N HIS B 92 -1.79 -9.24 -17.58
CA HIS B 92 -1.02 -9.48 -16.37
C HIS B 92 -1.78 -9.01 -15.14
N VAL B 93 -2.05 -9.93 -14.23
CA VAL B 93 -2.87 -9.62 -13.07
C VAL B 93 -2.04 -9.11 -11.89
N PHE B 94 -2.43 -7.94 -11.39
CA PHE B 94 -1.81 -7.36 -10.20
C PHE B 94 -2.84 -7.18 -9.10
N GLU B 95 -2.36 -6.84 -7.91
CA GLU B 95 -3.24 -6.63 -6.77
C GLU B 95 -3.64 -5.16 -6.73
N GLY B 96 -4.93 -4.89 -6.65
CA GLY B 96 -5.40 -3.52 -6.61
C GLY B 96 -6.03 -3.17 -5.29
N GLU B 97 -5.98 -1.89 -4.94
CA GLU B 97 -6.72 -1.39 -3.80
C GLU B 97 -8.20 -1.31 -4.21
N HIS B 98 -9.09 -1.78 -3.34
CA HIS B 98 -8.71 -2.21 -1.99
C HIS B 98 -8.63 -3.73 -1.83
N GLY B 99 -9.30 -4.48 -2.70
CA GLY B 99 -9.25 -5.93 -2.66
C GLY B 99 -9.42 -6.55 -4.03
N THR B 100 -9.11 -5.76 -5.05
CA THR B 100 -9.47 -6.04 -6.43
C THR B 100 -8.31 -6.47 -7.32
N LYS B 101 -8.30 -7.72 -7.76
CA LYS B 101 -7.32 -8.13 -8.75
C LYS B 101 -7.56 -7.32 -10.02
N ASP B 102 -6.50 -6.68 -10.51
CA ASP B 102 -6.55 -5.84 -11.71
C ASP B 102 -5.81 -6.48 -12.87
N GLU B 103 -6.39 -6.35 -14.06
CA GLU B 103 -5.72 -6.81 -15.26
C GLU B 103 -5.07 -5.66 -16.01
N TRP B 104 -3.76 -5.77 -16.19
CA TRP B 104 -3.00 -4.80 -16.95
C TRP B 104 -2.60 -5.41 -18.29
N LYS B 105 -3.06 -4.80 -19.38
CA LYS B 105 -2.63 -5.21 -20.70
C LYS B 105 -1.14 -4.87 -20.88
N GLY B 106 -0.37 -5.85 -21.33
CA GLY B 106 1.06 -5.68 -21.51
C GLY B 106 1.57 -6.46 -22.70
N MET B 107 2.85 -6.26 -22.95
CA MET B 107 3.56 -6.86 -24.05
C MET B 107 4.93 -7.33 -23.58
N VAL B 108 5.17 -8.63 -23.64
CA VAL B 108 6.47 -9.23 -23.29
C VAL B 108 7.44 -8.96 -24.42
N LEU B 109 8.52 -8.24 -24.11
CA LEU B 109 9.41 -7.71 -25.12
C LEU B 109 10.63 -8.60 -25.36
N ALA B 110 11.15 -9.19 -24.29
CA ALA B 110 12.38 -9.98 -24.38
C ALA B 110 12.72 -10.67 -23.07
N ARG B 111 13.58 -11.66 -23.15
CA ARG B 111 14.29 -12.13 -21.96
C ARG B 111 15.41 -11.12 -21.65
N ALA B 112 15.51 -10.71 -20.39
CA ALA B 112 16.47 -9.68 -20.02
C ALA B 112 17.90 -10.17 -20.20
N PRO B 113 18.82 -9.27 -20.56
CA PRO B 113 20.26 -9.56 -20.57
C PRO B 113 20.70 -9.89 -19.15
N VAL B 114 21.78 -10.67 -19.00
CA VAL B 114 22.35 -11.01 -17.70
C VAL B 114 21.39 -11.82 -16.82
N MET B 115 20.26 -11.24 -16.44
CA MET B 115 19.22 -11.97 -15.70
C MET B 115 18.18 -12.55 -16.67
N ASP B 116 18.58 -13.58 -17.41
CA ASP B 116 17.78 -14.10 -18.53
C ASP B 116 16.61 -14.99 -18.14
N THR B 117 16.34 -15.10 -16.84
CA THR B 117 15.16 -15.81 -16.38
CA THR B 117 15.16 -15.82 -16.40
C THR B 117 14.07 -14.79 -16.06
N TRP B 118 14.44 -13.52 -16.20
CA TRP B 118 13.53 -12.40 -16.03
C TRP B 118 13.14 -11.86 -17.40
N PHE B 119 12.00 -11.19 -17.48
CA PHE B 119 11.50 -10.70 -18.76
C PHE B 119 11.37 -9.18 -18.80
N TYR B 120 11.79 -8.59 -19.91
CA TYR B 120 11.41 -7.24 -20.27
C TYR B 120 9.92 -7.23 -20.61
N ILE B 121 9.14 -6.36 -19.96
CA ILE B 121 7.71 -6.24 -20.24
C ILE B 121 7.31 -4.77 -20.05
N THR B 122 6.41 -4.29 -20.91
CA THR B 122 5.87 -2.94 -20.79
C THR B 122 4.34 -3.03 -20.82
N TYR B 123 3.66 -1.94 -20.45
CA TYR B 123 2.20 -1.97 -20.33
C TYR B 123 1.57 -0.84 -21.12
N GLU B 124 0.40 -1.12 -21.69
CA GLU B 124 -0.25 -0.15 -22.55
C GLU B 124 -0.51 1.18 -21.82
N LYS B 125 -0.95 1.11 -20.58
CA LYS B 125 -1.29 2.31 -19.84
C LYS B 125 -0.07 2.87 -19.10
N ASP B 126 1.05 2.16 -19.14
CA ASP B 126 2.26 2.60 -18.45
C ASP B 126 3.47 2.12 -19.24
N PRO B 127 3.76 2.81 -20.34
CA PRO B 127 4.70 2.35 -21.36
C PRO B 127 6.17 2.58 -20.99
N VAL B 128 6.58 2.16 -19.81
CA VAL B 128 7.99 2.15 -19.48
C VAL B 128 8.41 0.69 -19.27
N LEU B 129 9.71 0.47 -19.16
CA LEU B 129 10.25 -0.88 -19.11
C LEU B 129 10.20 -1.44 -17.70
N TYR B 130 9.61 -2.62 -17.57
CA TYR B 130 9.54 -3.34 -16.31
C TYR B 130 10.24 -4.68 -16.44
N MET B 131 10.51 -5.31 -15.30
CA MET B 131 11.17 -6.60 -15.27
C MET B 131 10.59 -7.51 -14.21
N TYR B 132 10.13 -8.68 -14.63
CA TYR B 132 9.57 -9.67 -13.71
C TYR B 132 9.99 -11.08 -14.09
N THR B 133 9.91 -11.99 -13.12
N THR B 133 9.87 -12.02 -13.14
CA THR B 133 10.07 -13.40 -13.40
CA THR B 133 10.09 -13.44 -13.42
C THR B 133 8.70 -13.95 -13.79
C THR B 133 8.81 -14.11 -13.90
N LEU B 134 8.26 -13.57 -14.98
CA LEU B 134 6.91 -13.87 -15.47
C LEU B 134 6.41 -15.31 -15.40
N LEU B 135 7.32 -16.27 -15.48
CA LEU B 135 6.90 -17.66 -15.44
C LEU B 135 6.26 -18.02 -14.09
N ASP B 136 6.56 -17.25 -13.04
CA ASP B 136 5.94 -17.46 -11.75
C ASP B 136 4.54 -16.87 -11.72
N ASP B 137 4.28 -15.91 -12.61
CA ASP B 137 2.94 -15.35 -12.74
C ASP B 137 2.11 -16.29 -13.59
N TYR B 138 2.74 -16.82 -14.62
CA TYR B 138 2.09 -17.74 -15.55
C TYR B 138 1.76 -19.05 -14.84
N LYS B 139 2.66 -19.50 -13.97
CA LYS B 139 2.43 -20.72 -13.21
C LYS B 139 1.34 -20.50 -12.17
N ASP B 140 1.30 -19.30 -11.60
CA ASP B 140 0.28 -18.97 -10.59
C ASP B 140 -1.06 -18.59 -11.22
N GLY B 141 -1.08 -18.53 -12.56
CA GLY B 141 -2.30 -18.18 -13.28
C GLY B 141 -2.61 -16.69 -13.29
N ASP B 142 -1.56 -15.87 -13.26
CA ASP B 142 -1.71 -14.41 -13.25
C ASP B 142 -1.24 -13.80 -14.55
N LEU B 143 -1.06 -14.65 -15.56
CA LEU B 143 -0.54 -14.22 -16.86
C LEU B 143 -1.28 -14.96 -17.97
N ARG B 144 -2.25 -14.28 -18.58
CA ARG B 144 -2.97 -14.83 -19.72
C ARG B 144 -2.43 -14.22 -21.00
N ILE B 145 -2.03 -15.04 -21.95
CA ILE B 145 -1.54 -14.47 -23.19
C ILE B 145 -2.68 -14.29 -24.19
N ILE B 146 -2.55 -13.26 -25.01
CA ILE B 146 -3.51 -12.95 -26.05
C ILE B 146 -2.86 -13.21 -27.40
N PRO B 147 -3.11 -14.39 -27.99
CA PRO B 147 -2.48 -14.76 -29.26
C PRO B 147 -2.79 -13.78 -30.40
N ASP B 148 -4.03 -13.31 -30.50
CA ASP B 148 -4.40 -12.33 -31.52
C ASP B 148 -4.71 -10.96 -30.92
N SER B 149 -3.71 -10.09 -30.85
CA SER B 149 -3.87 -8.84 -30.13
C SER B 149 -3.83 -7.59 -31.02
N ASN B 150 -4.30 -6.47 -30.45
CA ASN B 150 -4.25 -5.16 -31.06
C ASN B 150 -3.61 -4.17 -30.07
N TYR B 151 -2.29 -4.22 -29.96
CA TYR B 151 -1.59 -3.51 -28.90
C TYR B 151 -1.10 -2.14 -29.35
N TYR B 152 -1.27 -1.13 -28.49
CA TYR B 152 -0.90 0.23 -28.83
C TYR B 152 0.30 0.70 -28.01
N PHE B 153 1.40 0.99 -28.69
CA PHE B 153 2.54 1.69 -28.10
C PHE B 153 2.39 3.18 -28.30
N PRO B 154 2.99 4.00 -27.43
CA PRO B 154 3.03 5.40 -27.85
C PRO B 154 3.86 5.51 -29.13
N THR B 155 3.52 6.46 -29.98
CA THR B 155 4.13 6.62 -31.29
C THR B 155 5.30 7.61 -31.30
N ALA B 156 6.35 7.25 -32.02
CA ALA B 156 7.47 8.14 -32.26
C ALA B 156 7.55 8.52 -33.73
N GLU B 157 7.52 9.83 -34.02
CA GLU B 157 7.57 10.34 -35.38
C GLU B 157 9.02 10.43 -35.89
N GLN B 158 9.19 10.27 -37.20
CA GLN B 158 10.50 10.34 -37.81
C GLN B 158 10.79 11.74 -38.34
N GLU B 159 12.04 11.93 -38.76
CA GLU B 159 12.55 13.18 -39.31
C GLU B 159 12.78 14.23 -38.24
N ASP B 165 18.72 3.50 -42.55
CA ASP B 165 18.48 4.49 -41.50
C ASP B 165 18.08 3.83 -40.19
N SER B 166 19.08 3.26 -39.49
CA SER B 166 18.87 2.62 -38.20
C SER B 166 18.75 3.68 -37.12
N LEU B 167 17.66 3.61 -36.35
CA LEU B 167 17.35 4.67 -35.40
C LEU B 167 18.12 4.63 -34.08
N VAL B 168 18.61 3.46 -33.67
CA VAL B 168 19.34 3.39 -32.41
CA VAL B 168 19.35 3.36 -32.43
C VAL B 168 20.57 4.29 -32.49
N GLY B 169 20.71 5.16 -31.50
CA GLY B 169 21.79 6.13 -31.48
C GLY B 169 21.35 7.51 -31.95
N LYS B 170 20.19 7.58 -32.59
CA LYS B 170 19.65 8.87 -33.04
C LYS B 170 18.92 9.56 -31.89
N GLN B 171 18.98 10.89 -31.88
CA GLN B 171 18.39 11.66 -30.79
C GLN B 171 16.94 12.02 -31.05
N VAL B 172 16.17 12.13 -29.96
CA VAL B 172 14.79 12.57 -30.04
C VAL B 172 14.52 13.77 -29.18
N GLU B 173 13.40 14.41 -29.47
CA GLU B 173 12.84 15.40 -28.58
C GLU B 173 11.41 14.98 -28.29
N HIS B 174 11.01 15.17 -27.04
CA HIS B 174 9.64 14.89 -26.66
C HIS B 174 9.00 16.23 -26.35
N ALA B 175 8.07 16.64 -27.20
CA ALA B 175 7.40 17.92 -27.03
C ALA B 175 6.14 17.73 -26.20
N LYS B 176 6.16 18.26 -24.98
CA LYS B 176 5.06 18.03 -24.05
C LYS B 176 3.87 18.93 -24.27
N ASP B 177 2.77 18.56 -23.63
CA ASP B 177 1.54 19.32 -23.74
C ASP B 177 1.66 20.74 -23.18
N ASP B 178 2.64 20.97 -22.29
CA ASP B 178 2.81 22.30 -21.70
C ASP B 178 3.66 23.21 -22.58
N GLY B 179 4.04 22.70 -23.75
CA GLY B 179 4.85 23.46 -24.71
C GLY B 179 6.36 23.29 -24.53
N SER B 180 6.78 22.69 -23.42
CA SER B 180 8.20 22.47 -23.17
C SER B 180 8.70 21.18 -23.86
N LYS B 181 10.02 21.03 -23.97
CA LYS B 181 10.58 19.87 -24.65
C LYS B 181 11.59 19.15 -23.76
N ARG B 182 11.83 17.87 -24.02
CA ARG B 182 12.96 17.19 -23.41
C ARG B 182 13.71 16.33 -24.41
N THR B 183 15.01 16.22 -24.21
CA THR B 183 15.84 15.45 -25.12
C THR B 183 15.99 14.00 -24.70
N GLY B 184 16.20 13.13 -25.68
CA GLY B 184 16.48 11.74 -25.37
C GLY B 184 17.18 11.08 -26.53
N ILE B 185 17.41 9.79 -26.43
CA ILE B 185 18.02 9.06 -27.55
CA ILE B 185 18.06 9.06 -27.51
C ILE B 185 17.50 7.62 -27.58
N PHE B 186 17.40 7.09 -28.79
CA PHE B 186 17.03 5.70 -29.00
C PHE B 186 18.20 4.84 -28.53
N ILE B 187 17.97 3.92 -27.60
CA ILE B 187 19.07 3.08 -27.08
C ILE B 187 18.97 1.58 -27.44
N HIS B 188 17.82 1.15 -27.96
CA HIS B 188 17.62 -0.27 -28.23
C HIS B 188 16.51 -0.45 -29.24
N GLN B 189 16.70 -1.41 -30.17
CA GLN B 189 15.62 -1.85 -31.04
C GLN B 189 15.21 -3.24 -30.60
N VAL B 190 13.93 -3.44 -30.31
CA VAL B 190 13.49 -4.75 -29.83
C VAL B 190 13.62 -5.82 -30.92
N VAL B 191 14.42 -6.84 -30.64
CA VAL B 191 14.71 -7.89 -31.61
C VAL B 191 13.44 -8.63 -32.04
N ALA B 192 12.58 -8.95 -31.09
CA ALA B 192 11.37 -9.72 -31.41
C ALA B 192 10.29 -8.85 -32.06
N LYS B 193 10.39 -7.53 -31.87
CA LYS B 193 9.41 -6.59 -32.40
C LYS B 193 10.11 -5.36 -32.99
N PRO B 194 10.59 -5.48 -34.24
CA PRO B 194 11.52 -4.54 -34.88
C PRO B 194 11.05 -3.08 -34.99
N SER B 195 9.74 -2.85 -34.96
CA SER B 195 9.24 -1.47 -35.00
C SER B 195 9.16 -0.85 -33.61
N VAL B 196 9.63 -1.56 -32.59
CA VAL B 196 9.55 -1.07 -31.22
C VAL B 196 10.96 -0.77 -30.70
N TYR B 197 11.08 0.38 -30.04
CA TYR B 197 12.37 0.88 -29.56
C TYR B 197 12.31 1.27 -28.10
N PHE B 198 13.47 1.31 -27.44
CA PHE B 198 13.57 1.92 -26.12
C PHE B 198 14.21 3.28 -26.27
N ILE B 199 13.70 4.26 -25.53
CA ILE B 199 14.24 5.61 -25.52
C ILE B 199 14.60 6.00 -24.08
N LYS B 200 15.75 6.64 -23.90
CA LYS B 200 16.14 7.21 -22.61
C LYS B 200 16.17 8.73 -22.69
N PHE B 201 15.37 9.41 -21.88
CA PHE B 201 15.39 10.87 -21.83
C PHE B 201 16.43 11.32 -20.80
N ASP B 202 17.16 12.37 -21.13
CA ASP B 202 18.19 12.90 -20.23
C ASP B 202 17.69 13.18 -18.81
N ASP B 203 16.47 13.68 -18.67
CA ASP B 203 15.97 14.16 -17.38
C ASP B 203 15.19 13.11 -16.58
N ASP B 204 15.24 11.87 -17.03
CA ASP B 204 14.37 10.86 -16.47
C ASP B 204 15.06 9.52 -16.36
N ILE B 205 14.84 8.85 -15.23
CA ILE B 205 15.46 7.57 -14.92
C ILE B 205 14.87 6.37 -15.69
N HIS B 206 13.60 6.46 -16.09
CA HIS B 206 12.93 5.31 -16.66
C HIS B 206 13.34 5.06 -18.11
N ILE B 207 13.13 3.83 -18.56
CA ILE B 207 13.34 3.48 -19.96
C ILE B 207 11.98 3.43 -20.68
N TYR B 208 11.81 4.26 -21.70
CA TYR B 208 10.51 4.39 -22.35
C TYR B 208 10.41 3.53 -23.60
N VAL B 209 9.27 2.90 -23.77
CA VAL B 209 9.04 2.01 -24.89
C VAL B 209 8.16 2.68 -25.93
N TYR B 210 8.65 2.80 -27.16
CA TYR B 210 7.92 3.46 -28.24
C TYR B 210 7.79 2.61 -29.48
N GLY B 211 6.73 2.84 -30.25
CA GLY B 211 6.64 2.18 -31.53
C GLY B 211 6.74 3.20 -32.65
N LEU B 212 7.19 2.72 -33.78
CA LEU B 212 7.26 3.51 -35.00
C LEU B 212 5.97 3.39 -35.79
N VAL B 213 5.60 4.45 -36.51
CA VAL B 213 4.46 4.37 -37.40
C VAL B 213 4.63 3.24 -38.40
N ALA C 1 3.52 4.18 6.64
CA ALA C 1 2.55 4.75 5.71
C ALA C 1 1.27 5.14 6.45
N ARG C 2 0.14 4.92 5.78
CA ARG C 2 -1.19 5.26 6.29
CA ARG C 2 -1.18 5.27 6.31
C ARG C 2 -1.35 6.76 6.57
N THR C 3 -2.31 7.38 5.91
CA THR C 3 -2.57 8.79 6.14
C THR C 3 -3.41 8.97 7.38
N GLN C 5 -5.93 10.61 9.19
CA GLN C 5 -7.04 11.53 8.95
C GLN C 5 -7.37 12.29 10.22
N THR C 6 -8.04 13.42 10.06
CA THR C 6 -8.40 14.30 11.18
C THR C 6 -9.23 15.46 10.68
N ALA D 1 -1.34 -11.38 -8.48
CA ALA D 1 -1.01 -11.44 -7.06
C ALA D 1 0.06 -10.42 -6.69
N ARG D 2 0.87 -10.03 -7.68
CA ARG D 2 1.95 -9.07 -7.43
C ARG D 2 1.40 -7.72 -6.99
N THR D 3 2.12 -7.08 -6.08
CA THR D 3 1.76 -5.74 -5.62
C THR D 3 2.24 -4.69 -6.60
N GLN D 5 3.44 -1.06 -7.22
CA GLN D 5 4.06 0.03 -6.49
C GLN D 5 4.06 1.34 -7.28
N THR D 6 4.21 2.46 -6.58
CA THR D 6 4.17 3.77 -7.21
C THR D 6 5.46 4.07 -7.96
#